data_4IVP
#
_entry.id   4IVP
#
_cell.length_a   114.001
_cell.length_b   117.827
_cell.length_c   108.300
_cell.angle_alpha   90.00
_cell.angle_beta   90.00
_cell.angle_gamma   90.00
#
_symmetry.space_group_name_H-M   'C 2 2 21'
#
loop_
_entity.id
_entity.type
_entity.pdbx_description
1 polymer 'Thymidine kinase'
2 non-polymer 6-[3-hydroxy-2-(hydroxymethyl)prop-1-en-1-yl]-5-methylpyrimidine-2,4(1H,3H)-dione
3 non-polymer 'SULFATE ION'
4 water water
#
_entity_poly.entity_id   1
_entity_poly.type   'polypeptide(L)'
_entity_poly.pdbx_seq_one_letter_code
;MPTLLRVYIDGPHGMGKTTTTQLLVALGSRDDIVYVPEPMTYWRVLGASETIANIYTTQHRLDQGEISAGDAAVVMTSAQ
ITMGMPYAVTDAVLAPHIGGEAGSSHAPPPALTLIFDRHPIAALLCYPAARYLMGSMTPQAVLAFVALIPPTLPGTNIVL
GALPEDRHIDRLAKRQRPGERLDLAMLAAIRRVYGLLANTVRYLQCGGSWREDWGQLSGTAVPPQGAEPQSNAGPRPHIG
DTLFTLFRAPELLAPNGDLYNVFAWALDVLAKRLRSMHVFILDYDQSPAGCRDALLQLTSGMVQTHVTTPGSIPTICDLA
RTFAREMGEAN
;
_entity_poly.pdbx_strand_id   A,B
#
# COMPACT_ATOMS: atom_id res chain seq x y z
N MET A 1 22.96 -14.68 15.78
CA MET A 1 22.18 -13.46 15.99
C MET A 1 21.00 -13.69 16.93
N PRO A 2 20.69 -12.70 17.77
CA PRO A 2 19.64 -12.89 18.79
C PRO A 2 18.27 -13.15 18.17
N THR A 3 17.34 -13.65 18.98
CA THR A 3 16.03 -14.04 18.49
C THR A 3 14.94 -13.06 18.90
N LEU A 4 13.92 -12.95 18.07
CA LEU A 4 12.81 -12.06 18.31
C LEU A 4 11.48 -12.80 18.25
N LEU A 5 10.58 -12.47 19.16
CA LEU A 5 9.21 -12.98 19.10
C LEU A 5 8.23 -11.82 18.86
N ARG A 6 7.59 -11.81 17.70
CA ARG A 6 6.56 -10.81 17.43
C ARG A 6 5.15 -11.38 17.62
N VAL A 7 4.31 -10.62 18.31
CA VAL A 7 2.96 -11.07 18.63
C VAL A 7 2.02 -9.94 18.28
N TYR A 8 1.12 -10.17 17.35
CA TYR A 8 0.14 -9.18 16.95
C TYR A 8 -1.19 -9.52 17.58
N ILE A 9 -1.68 -8.63 18.45
CA ILE A 9 -2.94 -8.83 19.13
C ILE A 9 -4.02 -8.18 18.31
N ASP A 10 -4.93 -8.98 17.77
CA ASP A 10 -5.86 -8.47 16.78
C ASP A 10 -7.24 -9.07 17.01
N GLY A 11 -8.15 -8.88 16.06
CA GLY A 11 -9.52 -9.30 16.27
C GLY A 11 -10.42 -8.10 16.34
N PRO A 12 -11.74 -8.33 16.42
CA PRO A 12 -12.69 -7.22 16.54
C PRO A 12 -12.38 -6.40 17.79
N HIS A 13 -12.58 -5.09 17.74
CA HIS A 13 -12.38 -4.27 18.94
C HIS A 13 -13.52 -4.49 19.94
N GLY A 14 -13.29 -4.14 21.19
CA GLY A 14 -14.32 -4.23 22.21
C GLY A 14 -14.37 -5.57 22.92
N MET A 15 -13.36 -6.41 22.73
CA MET A 15 -13.32 -7.70 23.42
C MET A 15 -12.53 -7.60 24.71
N GLY A 16 -11.82 -6.49 24.89
CA GLY A 16 -10.92 -6.34 26.02
C GLY A 16 -9.44 -6.50 25.62
N LYS A 17 -9.16 -6.31 24.33
CA LYS A 17 -7.81 -6.50 23.78
C LYS A 17 -6.75 -5.62 24.44
N THR A 18 -7.10 -4.35 24.62
CA THR A 18 -6.16 -3.36 25.15
C THR A 18 -5.83 -3.60 26.63
N THR A 19 -6.84 -3.91 27.44
CA THR A 19 -6.63 -4.20 28.85
C THR A 19 -5.76 -5.44 29.03
N THR A 20 -6.11 -6.51 28.31
CA THR A 20 -5.37 -7.77 28.36
C THR A 20 -3.88 -7.61 28.07
N THR A 21 -3.55 -6.84 27.04
CA THR A 21 -2.16 -6.67 26.63
C THR A 21 -1.32 -5.83 27.60
N GLN A 22 -1.91 -4.77 28.15
CA GLN A 22 -1.17 -3.90 29.07
C GLN A 22 -0.82 -4.62 30.39
N LEU A 23 -1.74 -5.46 30.86
CA LEU A 23 -1.47 -6.32 32.00
C LEU A 23 -0.27 -7.23 31.73
N LEU A 24 -0.28 -7.87 30.56
CA LEU A 24 0.77 -8.79 30.16
C LEU A 24 2.13 -8.09 30.03
N VAL A 25 2.11 -6.87 29.51
CA VAL A 25 3.32 -6.07 29.34
C VAL A 25 3.95 -5.75 30.70
N ALA A 26 3.10 -5.74 31.73
CA ALA A 26 3.53 -5.40 33.08
C ALA A 26 3.98 -6.62 33.91
N LEU A 27 4.08 -7.77 33.27
CA LEU A 27 4.54 -8.98 33.97
C LEU A 27 6.02 -9.29 33.68
N GLY A 28 6.47 -8.89 32.49
CA GLY A 28 7.84 -9.13 32.07
C GLY A 28 8.72 -7.90 32.22
N SER A 29 10.03 -8.11 32.19
CA SER A 29 11.00 -7.04 32.41
C SER A 29 10.74 -5.83 31.52
N ARG A 30 11.21 -4.67 31.97
CA ARG A 30 11.00 -3.41 31.25
C ARG A 30 11.49 -3.50 29.81
N ASP A 31 12.49 -4.35 29.58
CA ASP A 31 13.15 -4.42 28.27
C ASP A 31 13.42 -5.83 27.73
N ASP A 32 12.71 -6.85 28.21
CA ASP A 32 12.71 -8.11 27.48
C ASP A 32 11.39 -8.23 26.72
N ILE A 33 10.51 -7.26 26.95
CA ILE A 33 9.24 -7.20 26.26
C ILE A 33 8.78 -5.76 26.08
N VAL A 34 8.36 -5.42 24.87
CA VAL A 34 7.87 -4.08 24.56
C VAL A 34 6.49 -4.12 23.88
N TYR A 35 5.65 -3.15 24.23
CA TYR A 35 4.28 -3.06 23.74
C TYR A 35 4.16 -1.90 22.76
N VAL A 36 3.72 -2.19 21.53
CA VAL A 36 3.41 -1.17 20.54
C VAL A 36 1.91 -0.97 20.56
N PRO A 37 1.46 0.14 21.17
CA PRO A 37 0.06 0.31 21.50
C PRO A 37 -0.74 0.89 20.36
N GLU A 38 -2.02 1.05 20.62
CA GLU A 38 -2.96 1.59 19.65
C GLU A 38 -2.61 3.05 19.31
N PRO A 39 -2.47 3.36 18.02
CA PRO A 39 -1.99 4.71 17.65
C PRO A 39 -3.12 5.75 17.66
N MET A 40 -3.78 5.87 18.79
CA MET A 40 -4.99 6.70 18.88
C MET A 40 -4.69 8.18 18.61
N THR A 41 -3.54 8.66 19.05
CA THR A 41 -3.14 10.05 18.78
C THR A 41 -2.96 10.32 17.29
N TYR A 42 -2.43 9.33 16.56
CA TYR A 42 -2.39 9.46 15.09
C TYR A 42 -3.78 9.63 14.51
N TRP A 43 -4.71 8.77 14.95
CA TRP A 43 -6.07 8.76 14.42
C TRP A 43 -6.87 10.02 14.75
N ARG A 44 -6.66 10.53 15.96
CA ARG A 44 -7.43 11.67 16.46
C ARG A 44 -6.82 13.03 16.10
N VAL A 45 -5.48 13.09 16.00
CA VAL A 45 -4.77 14.35 15.75
C VAL A 45 -3.72 14.38 14.60
N LEU A 46 -2.73 13.50 14.64
CA LEU A 46 -1.60 13.60 13.71
C LEU A 46 -1.95 13.37 12.24
N GLY A 47 -2.71 12.32 11.95
CA GLY A 47 -2.96 11.94 10.57
C GLY A 47 -4.11 12.71 9.97
N ALA A 48 -5.08 13.04 10.83
CA ALA A 48 -6.29 13.73 10.43
C ALA A 48 -7.02 14.05 11.72
N SER A 49 -8.14 14.76 11.63
CA SER A 49 -8.88 15.16 12.81
C SER A 49 -10.00 14.18 13.12
N GLU A 50 -9.89 13.52 14.28
CA GLU A 50 -10.92 12.59 14.77
C GLU A 50 -11.43 11.58 13.71
N THR A 51 -10.51 10.74 13.20
CA THR A 51 -10.86 9.79 12.15
C THR A 51 -11.98 8.82 12.56
N ILE A 52 -11.96 8.36 13.80
CA ILE A 52 -12.99 7.47 14.30
CA ILE A 52 -12.98 7.45 14.27
C ILE A 52 -14.37 8.12 14.20
N ALA A 53 -14.48 9.33 14.75
CA ALA A 53 -15.71 10.12 14.67
C ALA A 53 -16.20 10.18 13.24
N ASN A 54 -15.27 10.46 12.33
CA ASN A 54 -15.56 10.58 10.92
C ASN A 54 -16.18 9.30 10.37
N ILE A 55 -15.56 8.18 10.72
CA ILE A 55 -15.97 6.86 10.23
C ILE A 55 -17.41 6.55 10.67
N TYR A 56 -17.67 6.65 11.97
CA TYR A 56 -18.98 6.29 12.51
C TYR A 56 -20.09 7.27 12.12
N THR A 57 -19.74 8.56 12.02
CA THR A 57 -20.71 9.55 11.57
C THR A 57 -21.13 9.32 10.12
N THR A 58 -20.16 8.98 9.27
CA THR A 58 -20.45 8.67 7.87
C THR A 58 -21.37 7.45 7.73
N GLN A 59 -21.10 6.40 8.48
CA GLN A 59 -21.94 5.22 8.37
C GLN A 59 -23.36 5.55 8.87
N HIS A 60 -23.44 6.30 9.97
CA HIS A 60 -24.73 6.71 10.51
C HIS A 60 -25.53 7.50 9.46
N ARG A 61 -24.90 8.52 8.89
CA ARG A 61 -25.54 9.31 7.83
C ARG A 61 -25.96 8.47 6.63
N LEU A 62 -25.19 7.43 6.30
CA LEU A 62 -25.55 6.52 5.23
C LEU A 62 -26.81 5.73 5.60
N ASP A 63 -26.80 5.18 6.81
CA ASP A 63 -27.92 4.38 7.31
C ASP A 63 -29.21 5.22 7.37
N GLN A 64 -29.08 6.53 7.50
CA GLN A 64 -30.22 7.43 7.63
C GLN A 64 -30.64 7.98 6.27
N GLY A 65 -29.85 7.68 5.25
CA GLY A 65 -30.15 8.11 3.90
C GLY A 65 -29.76 9.53 3.63
N GLU A 66 -28.96 10.10 4.51
CA GLU A 66 -28.54 11.49 4.37
C GLU A 66 -27.45 11.64 3.29
N ILE A 67 -26.71 10.56 3.03
CA ILE A 67 -25.70 10.57 1.97
C ILE A 67 -25.79 9.28 1.17
N SER A 68 -25.28 9.31 -0.07
CA SER A 68 -25.27 8.12 -0.92
C SER A 68 -24.17 7.13 -0.55
N ALA A 69 -24.34 5.90 -1.01
CA ALA A 69 -23.35 4.84 -0.85
C ALA A 69 -22.00 5.24 -1.43
N GLY A 70 -22.04 5.93 -2.57
CA GLY A 70 -20.84 6.43 -3.22
C GLY A 70 -20.10 7.44 -2.36
N ASP A 71 -20.83 8.39 -1.79
CA ASP A 71 -20.27 9.37 -0.86
C ASP A 71 -19.62 8.72 0.35
N ALA A 72 -20.34 7.78 0.96
CA ALA A 72 -19.83 7.09 2.14
C ALA A 72 -18.54 6.34 1.80
N ALA A 73 -18.55 5.68 0.64
CA ALA A 73 -17.41 4.86 0.22
C ALA A 73 -16.10 5.66 0.09
N VAL A 74 -16.16 6.86 -0.47
CA VAL A 74 -14.95 7.66 -0.64
C VAL A 74 -14.39 8.08 0.70
N VAL A 75 -15.29 8.35 1.65
CA VAL A 75 -14.90 8.74 3.00
C VAL A 75 -14.29 7.56 3.75
N MET A 76 -14.96 6.41 3.70
CA MET A 76 -14.45 5.20 4.36
C MET A 76 -13.09 4.78 3.81
N THR A 77 -12.92 4.91 2.50
CA THR A 77 -11.68 4.53 1.85
C THR A 77 -10.53 5.45 2.30
N SER A 78 -10.74 6.76 2.25
CA SER A 78 -9.73 7.73 2.72
C SER A 78 -9.42 7.53 4.18
N ALA A 79 -10.45 7.32 4.97
CA ALA A 79 -10.25 7.14 6.40
C ALA A 79 -9.41 5.89 6.72
N GLN A 80 -9.63 4.81 5.97
CA GLN A 80 -8.91 3.57 6.23
C GLN A 80 -7.42 3.72 5.93
N ILE A 81 -7.12 4.60 4.98
CA ILE A 81 -5.74 4.96 4.66
C ILE A 81 -5.08 5.58 5.90
N THR A 82 -5.74 6.57 6.48
CA THR A 82 -5.28 7.20 7.72
C THR A 82 -5.16 6.21 8.86
N MET A 83 -6.16 5.34 9.00
CA MET A 83 -6.17 4.35 10.09
C MET A 83 -4.97 3.40 10.04
N GLY A 84 -4.62 2.93 8.86
CA GLY A 84 -3.60 1.90 8.74
C GLY A 84 -2.17 2.40 8.65
N MET A 85 -2.02 3.70 8.42
CA MET A 85 -0.69 4.30 8.23
C MET A 85 0.33 3.94 9.32
N PRO A 86 0.00 4.09 10.63
CA PRO A 86 1.03 3.71 11.61
C PRO A 86 1.44 2.22 11.55
N TYR A 87 0.51 1.34 11.17
CA TYR A 87 0.83 -0.08 11.05
C TYR A 87 1.72 -0.31 9.85
N ALA A 88 1.42 0.36 8.75
CA ALA A 88 2.18 0.18 7.53
C ALA A 88 3.61 0.75 7.65
N VAL A 89 3.78 1.93 8.23
CA VAL A 89 5.15 2.44 8.39
C VAL A 89 5.96 1.54 9.30
N THR A 90 5.31 1.08 10.36
CA THR A 90 5.96 0.25 11.35
C THR A 90 6.45 -1.03 10.72
N ASP A 91 5.57 -1.67 9.94
CA ASP A 91 5.96 -2.89 9.25
C ASP A 91 7.14 -2.63 8.31
N ALA A 92 7.10 -1.52 7.60
CA ALA A 92 8.11 -1.26 6.57
C ALA A 92 9.49 -0.98 7.20
N VAL A 93 9.54 -0.29 8.33
CA VAL A 93 10.83 -0.03 8.98
C VAL A 93 11.35 -1.25 9.75
N LEU A 94 10.43 -2.08 10.23
CA LEU A 94 10.81 -3.31 10.94
C LEU A 94 11.31 -4.40 9.97
N ALA A 95 10.73 -4.45 8.77
CA ALA A 95 10.94 -5.57 7.85
C ALA A 95 12.41 -5.97 7.57
N PRO A 96 13.31 -5.00 7.32
CA PRO A 96 14.71 -5.38 7.10
C PRO A 96 15.40 -5.96 8.32
N HIS A 97 14.84 -5.75 9.52
CA HIS A 97 15.44 -6.31 10.72
C HIS A 97 15.09 -7.78 10.98
N ILE A 98 14.15 -8.34 10.22
CA ILE A 98 13.63 -9.67 10.50
C ILE A 98 14.38 -10.74 9.70
N GLY A 99 14.88 -11.75 10.40
CA GLY A 99 15.59 -12.83 9.75
C GLY A 99 14.70 -14.05 9.59
N GLY A 100 15.31 -15.22 9.43
CA GLY A 100 14.55 -16.45 9.26
C GLY A 100 14.13 -17.03 10.59
N GLU A 101 13.30 -18.06 10.52
CA GLU A 101 12.81 -18.74 11.70
C GLU A 101 13.98 -19.25 12.53
N ALA A 102 13.78 -19.29 13.85
CA ALA A 102 14.83 -19.68 14.77
C ALA A 102 14.61 -21.10 15.23
N PRO A 108 13.96 -22.33 24.36
CA PRO A 108 14.92 -21.25 24.15
C PRO A 108 14.21 -19.90 24.07
N PRO A 109 14.29 -19.11 25.15
CA PRO A 109 13.60 -17.82 25.25
C PRO A 109 14.17 -16.77 24.29
N PRO A 110 13.30 -15.90 23.75
CA PRO A 110 13.72 -14.85 22.81
C PRO A 110 14.41 -13.71 23.52
N ALA A 111 15.36 -13.08 22.84
CA ALA A 111 16.05 -11.93 23.39
C ALA A 111 15.05 -10.80 23.60
N LEU A 112 14.06 -10.74 22.73
CA LEU A 112 13.07 -9.67 22.80
C LEU A 112 11.70 -10.16 22.33
N THR A 113 10.67 -9.74 23.06
CA THR A 113 9.30 -10.01 22.69
C THR A 113 8.62 -8.70 22.35
N LEU A 114 8.12 -8.60 21.14
CA LEU A 114 7.52 -7.38 20.66
C LEU A 114 6.05 -7.64 20.47
N ILE A 115 5.21 -7.02 21.30
CA ILE A 115 3.77 -7.19 21.21
C ILE A 115 3.09 -5.97 20.62
N PHE A 116 2.40 -6.16 19.49
CA PHE A 116 1.69 -5.07 18.83
C PHE A 116 0.20 -5.09 19.10
N ASP A 117 -0.37 -3.90 19.20
CA ASP A 117 -1.82 -3.74 19.12
C ASP A 117 -2.17 -3.69 17.63
N ARG A 118 -2.60 -4.84 17.09
CA ARG A 118 -3.01 -5.03 15.70
C ARG A 118 -1.91 -5.23 14.65
N HIS A 119 -2.26 -5.97 13.60
CA HIS A 119 -1.41 -6.22 12.44
C HIS A 119 -1.95 -5.32 11.33
N PRO A 120 -1.11 -4.98 10.34
CA PRO A 120 -1.60 -4.24 9.17
C PRO A 120 -2.84 -4.82 8.50
N ILE A 121 -3.06 -6.14 8.48
CA ILE A 121 -4.30 -6.63 7.87
C ILE A 121 -5.58 -6.11 8.55
N ALA A 122 -5.50 -5.61 9.77
CA ALA A 122 -6.73 -5.05 10.38
C ALA A 122 -7.27 -3.90 9.54
N ALA A 123 -6.37 -3.04 9.09
CA ALA A 123 -6.76 -1.84 8.36
C ALA A 123 -6.71 -2.02 6.85
N LEU A 124 -5.98 -3.03 6.38
CA LEU A 124 -5.84 -3.27 4.94
C LEU A 124 -6.69 -4.42 4.43
N LEU A 125 -7.43 -5.07 5.32
CA LEU A 125 -8.31 -6.16 4.92
C LEU A 125 -9.60 -6.23 5.75
N CYS A 126 -9.45 -6.33 7.07
CA CYS A 126 -10.57 -6.73 7.92
C CYS A 126 -11.63 -5.65 8.10
N TYR A 127 -11.19 -4.45 8.48
CA TYR A 127 -12.12 -3.35 8.60
C TYR A 127 -12.67 -2.87 7.26
N PRO A 128 -11.82 -2.83 6.20
CA PRO A 128 -12.39 -2.57 4.88
C PRO A 128 -13.46 -3.60 4.46
N ALA A 129 -13.21 -4.88 4.71
CA ALA A 129 -14.18 -5.90 4.31
C ALA A 129 -15.47 -5.79 5.14
N ALA A 130 -15.35 -5.41 6.40
CA ALA A 130 -16.54 -5.20 7.22
C ALA A 130 -17.36 -4.02 6.71
N ARG A 131 -16.69 -2.93 6.34
CA ARG A 131 -17.39 -1.78 5.76
C ARG A 131 -18.03 -2.13 4.40
N TYR A 132 -17.38 -2.98 3.59
CA TYR A 132 -18.04 -3.54 2.40
C TYR A 132 -19.36 -4.19 2.81
N LEU A 133 -19.30 -5.06 3.82
CA LEU A 133 -20.50 -5.72 4.35
C LEU A 133 -21.54 -4.75 4.92
N MET A 134 -21.11 -3.54 5.24
CA MET A 134 -21.99 -2.49 5.78
C MET A 134 -22.47 -1.59 4.67
N GLY A 135 -22.13 -1.93 3.43
CA GLY A 135 -22.53 -1.14 2.28
C GLY A 135 -21.80 0.21 2.15
N SER A 136 -20.70 0.39 2.88
CA SER A 136 -20.00 1.66 2.83
C SER A 136 -18.58 1.61 2.23
N MET A 137 -18.20 0.49 1.62
CA MET A 137 -16.97 0.43 0.81
C MET A 137 -17.17 -0.48 -0.40
N THR A 138 -16.61 -0.10 -1.55
CA THR A 138 -16.72 -0.95 -2.73
C THR A 138 -15.77 -2.14 -2.58
N PRO A 139 -16.15 -3.30 -3.14
CA PRO A 139 -15.24 -4.45 -3.07
C PRO A 139 -13.96 -4.21 -3.87
N GLN A 140 -14.00 -3.35 -4.90
CA GLN A 140 -12.79 -3.00 -5.63
C GLN A 140 -11.77 -2.30 -4.73
N ALA A 141 -12.24 -1.41 -3.86
CA ALA A 141 -11.32 -0.73 -2.94
C ALA A 141 -10.74 -1.70 -1.92
N VAL A 142 -11.56 -2.62 -1.45
CA VAL A 142 -11.08 -3.65 -0.53
C VAL A 142 -9.91 -4.43 -1.19
N LEU A 143 -10.07 -4.82 -2.44
CA LEU A 143 -9.01 -5.58 -3.11
C LEU A 143 -7.79 -4.73 -3.43
N ALA A 144 -7.97 -3.42 -3.54
CA ALA A 144 -6.82 -2.52 -3.69
C ALA A 144 -6.00 -2.49 -2.40
N PHE A 145 -6.70 -2.47 -1.28
CA PHE A 145 -6.02 -2.52 0.02
C PHE A 145 -5.30 -3.84 0.17
N VAL A 146 -5.97 -4.91 -0.23
CA VAL A 146 -5.40 -6.25 -0.15
C VAL A 146 -4.12 -6.34 -0.99
N ALA A 147 -4.14 -5.74 -2.18
CA ALA A 147 -2.98 -5.75 -3.05
C ALA A 147 -1.75 -5.08 -2.41
N LEU A 148 -2.00 -4.22 -1.42
CA LEU A 148 -0.93 -3.50 -0.73
C LEU A 148 -0.54 -4.10 0.63
N ILE A 149 -1.10 -5.25 0.98
CA ILE A 149 -0.69 -5.92 2.22
C ILE A 149 0.78 -6.30 2.10
N PRO A 150 1.61 -5.86 3.06
CA PRO A 150 3.04 -6.17 2.91
C PRO A 150 3.31 -7.68 2.93
N PRO A 151 4.40 -8.13 2.28
CA PRO A 151 4.74 -9.56 2.28
C PRO A 151 4.80 -10.08 3.72
N THR A 152 4.33 -11.30 3.93
CA THR A 152 4.29 -11.88 5.26
C THR A 152 5.69 -12.38 5.65
N LEU A 153 6.25 -11.76 6.68
CA LEU A 153 7.57 -12.09 7.17
C LEU A 153 7.50 -13.34 8.04
N PRO A 154 8.63 -14.05 8.20
CA PRO A 154 8.66 -15.21 9.09
C PRO A 154 8.25 -14.79 10.50
N GLY A 155 7.71 -15.72 11.28
CA GLY A 155 7.32 -15.42 12.64
C GLY A 155 6.20 -14.40 12.79
N THR A 156 5.26 -14.39 11.84
CA THR A 156 4.09 -13.53 11.97
C THR A 156 2.99 -14.24 12.78
N ASN A 157 3.01 -14.02 14.10
CA ASN A 157 2.08 -14.62 15.04
C ASN A 157 0.94 -13.67 15.35
N ILE A 158 -0.26 -14.06 14.98
CA ILE A 158 -1.42 -13.22 15.16
C ILE A 158 -2.41 -13.88 16.11
N VAL A 159 -2.81 -13.13 17.14
CA VAL A 159 -3.75 -13.65 18.14
C VAL A 159 -5.10 -13.03 17.87
N LEU A 160 -6.11 -13.87 17.62
CA LEU A 160 -7.47 -13.42 17.39
C LEU A 160 -8.33 -13.78 18.61
N GLY A 161 -9.49 -13.16 18.73
CA GLY A 161 -10.32 -13.32 19.92
C GLY A 161 -11.52 -14.23 19.75
N ALA A 162 -11.87 -14.89 20.85
CA ALA A 162 -13.09 -15.67 20.93
C ALA A 162 -13.93 -15.08 22.06
N LEU A 163 -15.19 -14.77 21.79
CA LEU A 163 -16.07 -14.17 22.78
C LEU A 163 -17.50 -14.26 22.27
N PRO A 164 -18.41 -14.79 23.09
CA PRO A 164 -19.83 -14.88 22.71
C PRO A 164 -20.37 -13.49 22.41
N GLU A 165 -21.31 -13.38 21.48
CA GLU A 165 -21.77 -12.08 21.00
C GLU A 165 -22.34 -11.18 22.10
N ASP A 166 -23.14 -11.75 22.99
CA ASP A 166 -23.78 -10.99 24.06
C ASP A 166 -22.74 -10.37 24.99
N ARG A 167 -21.79 -11.17 25.46
CA ARG A 167 -20.67 -10.68 26.25
C ARG A 167 -19.87 -9.61 25.51
N HIS A 168 -19.73 -9.77 24.19
CA HIS A 168 -19.01 -8.82 23.36
C HIS A 168 -19.73 -7.48 23.33
N ILE A 169 -21.04 -7.53 23.14
CA ILE A 169 -21.87 -6.32 23.18
C ILE A 169 -21.70 -5.59 24.53
N ASP A 170 -21.74 -6.36 25.62
CA ASP A 170 -21.56 -5.80 26.97
C ASP A 170 -20.23 -5.06 27.10
N ARG A 171 -19.14 -5.74 26.75
CA ARG A 171 -17.82 -5.11 26.82
C ARG A 171 -17.69 -3.89 25.92
N LEU A 172 -18.17 -4.01 24.70
CA LEU A 172 -18.06 -2.93 23.74
C LEU A 172 -18.76 -1.67 24.24
N ALA A 173 -19.94 -1.86 24.81
CA ALA A 173 -20.75 -0.75 25.30
C ALA A 173 -20.03 0.01 26.40
N LYS A 174 -19.20 -0.68 27.16
CA LYS A 174 -18.49 -0.07 28.28
C LYS A 174 -17.17 0.59 27.87
N ARG A 175 -16.68 0.29 26.66
CA ARG A 175 -15.45 0.91 26.19
C ARG A 175 -15.52 1.40 24.75
N GLN A 176 -16.42 2.34 24.50
CA GLN A 176 -16.47 3.04 23.23
C GLN A 176 -15.26 3.96 23.09
N ARG A 177 -14.76 4.11 21.87
CA ARG A 177 -13.63 5.00 21.64
C ARG A 177 -14.16 6.38 21.30
N PRO A 178 -13.29 7.42 21.32
CA PRO A 178 -13.78 8.77 21.01
C PRO A 178 -14.36 8.89 19.61
N GLY A 179 -15.61 9.36 19.53
CA GLY A 179 -16.29 9.52 18.26
C GLY A 179 -17.02 8.28 17.80
N GLU A 180 -16.78 7.15 18.47
CA GLU A 180 -17.42 5.89 18.12
C GLU A 180 -18.92 5.89 18.45
N ARG A 181 -19.71 5.22 17.61
CA ARG A 181 -21.10 4.94 17.96
C ARG A 181 -21.31 3.44 18.10
N LEU A 182 -22.16 3.05 19.05
CA LEU A 182 -22.44 1.64 19.26
C LEU A 182 -23.33 1.17 18.11
N ASP A 183 -22.76 0.36 17.23
CA ASP A 183 -23.45 -0.10 16.03
C ASP A 183 -23.38 -1.62 16.06
N LEU A 184 -24.50 -2.26 16.38
CA LEU A 184 -24.57 -3.70 16.41
C LEU A 184 -24.42 -4.36 15.03
N ALA A 185 -24.82 -3.66 13.98
CA ALA A 185 -24.60 -4.17 12.61
C ALA A 185 -23.09 -4.23 12.29
N MET A 186 -22.37 -3.16 12.62
CA MET A 186 -20.92 -3.16 12.45
C MET A 186 -20.26 -4.23 13.34
N LEU A 187 -20.72 -4.38 14.57
CA LEU A 187 -20.16 -5.44 15.41
C LEU A 187 -20.29 -6.83 14.77
N ALA A 188 -21.45 -7.10 14.17
CA ALA A 188 -21.69 -8.39 13.54
C ALA A 188 -20.82 -8.54 12.28
N ALA A 189 -20.74 -7.49 11.47
CA ALA A 189 -19.89 -7.49 10.28
C ALA A 189 -18.42 -7.78 10.62
N ILE A 190 -17.88 -7.08 11.62
CA ILE A 190 -16.47 -7.24 11.95
C ILE A 190 -16.21 -8.59 12.60
N ARG A 191 -17.16 -9.06 13.40
CA ARG A 191 -17.07 -10.41 13.97
C ARG A 191 -17.09 -11.48 12.86
N ARG A 192 -18.01 -11.35 11.92
CA ARG A 192 -18.02 -12.26 10.75
C ARG A 192 -16.73 -12.24 9.93
N VAL A 193 -16.23 -11.05 9.61
CA VAL A 193 -14.96 -10.94 8.88
C VAL A 193 -13.81 -11.66 9.61
N TYR A 194 -13.66 -11.40 10.90
CA TYR A 194 -12.60 -12.08 11.65
C TYR A 194 -12.79 -13.59 11.74
N GLY A 195 -14.04 -14.05 11.87
CA GLY A 195 -14.30 -15.48 11.84
C GLY A 195 -13.92 -16.08 10.48
N LEU A 196 -14.27 -15.39 9.40
CA LEU A 196 -13.89 -15.84 8.05
C LEU A 196 -12.37 -15.84 7.86
N LEU A 197 -11.70 -14.86 8.46
CA LEU A 197 -10.24 -14.79 8.40
C LEU A 197 -9.60 -16.03 9.01
N ALA A 198 -10.03 -16.40 10.22
CA ALA A 198 -9.49 -17.59 10.89
C ALA A 198 -9.69 -18.81 10.01
N ASN A 199 -10.89 -18.94 9.46
CA ASN A 199 -11.22 -20.06 8.56
C ASN A 199 -10.37 -20.04 7.32
N THR A 200 -10.15 -18.84 6.78
CA THR A 200 -9.37 -18.70 5.55
C THR A 200 -7.93 -19.20 5.75
N VAL A 201 -7.28 -18.80 6.84
CA VAL A 201 -5.93 -19.27 7.12
C VAL A 201 -5.87 -20.79 7.18
N ARG A 202 -6.86 -21.38 7.84
CA ARG A 202 -6.94 -22.83 7.99
C ARG A 202 -7.16 -23.50 6.63
N TYR A 203 -8.12 -22.97 5.88
CA TYR A 203 -8.39 -23.44 4.52
C TYR A 203 -7.12 -23.46 3.67
N LEU A 204 -6.36 -22.37 3.72
CA LEU A 204 -5.16 -22.24 2.93
C LEU A 204 -4.06 -23.19 3.42
N GLN A 205 -3.96 -23.32 4.75
CA GLN A 205 -2.87 -24.10 5.33
C GLN A 205 -3.08 -25.60 5.09
N CYS A 206 -4.33 -25.99 4.93
CA CYS A 206 -4.65 -27.38 4.61
C CYS A 206 -4.64 -27.63 3.11
N GLY A 207 -4.08 -26.69 2.36
CA GLY A 207 -3.89 -26.85 0.93
C GLY A 207 -5.07 -26.46 0.05
N GLY A 208 -6.01 -25.68 0.57
CA GLY A 208 -7.13 -25.24 -0.25
C GLY A 208 -6.71 -24.32 -1.37
N SER A 209 -7.28 -24.52 -2.55
CA SER A 209 -6.99 -23.70 -3.71
C SER A 209 -8.25 -22.96 -4.15
N TRP A 210 -8.26 -21.64 -3.96
CA TRP A 210 -9.47 -20.87 -4.21
C TRP A 210 -9.95 -20.95 -5.65
N ARG A 211 -9.02 -20.97 -6.60
CA ARG A 211 -9.37 -21.11 -8.02
C ARG A 211 -10.03 -22.46 -8.31
N GLU A 212 -9.54 -23.52 -7.70
CA GLU A 212 -10.14 -24.83 -7.87
C GLU A 212 -11.53 -24.93 -7.25
N ASP A 213 -11.75 -24.23 -6.13
CA ASP A 213 -13.02 -24.34 -5.40
C ASP A 213 -14.00 -23.23 -5.72
N TRP A 214 -13.60 -22.30 -6.56
CA TRP A 214 -14.40 -21.11 -6.84
C TRP A 214 -15.82 -21.42 -7.36
N GLY A 215 -15.94 -22.46 -8.17
CA GLY A 215 -17.23 -22.86 -8.71
C GLY A 215 -18.23 -23.26 -7.64
N GLN A 216 -17.73 -23.74 -6.50
CA GLN A 216 -18.59 -24.15 -5.40
C GLN A 216 -19.38 -23.02 -4.76
N LEU A 217 -18.98 -21.78 -5.00
CA LEU A 217 -19.69 -20.63 -4.43
C LEU A 217 -20.99 -20.39 -5.20
N SER A 218 -21.07 -20.96 -6.40
CA SER A 218 -22.25 -20.81 -7.25
C SER A 218 -23.02 -22.13 -7.38
N GLY A 219 -22.39 -23.21 -6.94
CA GLY A 219 -22.98 -24.53 -7.02
C GLY A 219 -22.87 -25.30 -5.72
N PRO A 235 -9.17 -32.19 4.59
CA PRO A 235 -10.25 -31.67 5.44
C PRO A 235 -10.01 -30.22 5.82
N ARG A 236 -10.91 -29.35 5.39
CA ARG A 236 -10.69 -27.92 5.47
C ARG A 236 -12.05 -27.27 5.45
N PRO A 237 -12.13 -25.99 5.84
CA PRO A 237 -13.43 -25.33 5.69
C PRO A 237 -13.91 -25.32 4.24
N HIS A 238 -15.21 -25.21 4.06
CA HIS A 238 -15.79 -24.97 2.74
C HIS A 238 -15.44 -23.52 2.39
N ILE A 239 -15.20 -23.27 1.11
CA ILE A 239 -14.75 -21.96 0.67
C ILE A 239 -15.82 -20.92 0.95
N GLY A 240 -17.07 -21.36 0.99
CA GLY A 240 -18.17 -20.48 1.33
C GLY A 240 -18.05 -19.98 2.76
N ASP A 241 -17.19 -20.62 3.54
CA ASP A 241 -16.92 -20.18 4.91
C ASP A 241 -15.57 -19.46 5.06
N THR A 242 -15.03 -18.91 3.96
CA THR A 242 -13.78 -18.17 4.05
C THR A 242 -13.98 -16.78 3.48
N LEU A 243 -12.94 -15.95 3.53
CA LEU A 243 -13.02 -14.60 2.98
C LEU A 243 -13.26 -14.58 1.48
N PHE A 244 -12.95 -15.69 0.80
CA PHE A 244 -13.09 -15.70 -0.65
C PHE A 244 -14.54 -15.53 -1.04
N THR A 245 -15.46 -15.97 -0.17
CA THR A 245 -16.88 -15.83 -0.46
C THR A 245 -17.31 -14.36 -0.64
N LEU A 246 -16.62 -13.44 0.03
CA LEU A 246 -17.00 -12.03 -0.07
C LEU A 246 -16.76 -11.47 -1.47
N PHE A 247 -15.84 -12.08 -2.20
CA PHE A 247 -15.40 -11.53 -3.47
C PHE A 247 -16.11 -12.13 -4.67
N ARG A 248 -17.24 -12.76 -4.40
CA ARG A 248 -18.18 -13.14 -5.45
C ARG A 248 -19.07 -11.92 -5.76
N ALA A 249 -18.69 -10.77 -5.22
CA ALA A 249 -19.40 -9.51 -5.45
C ALA A 249 -19.53 -9.20 -6.95
N PRO A 250 -20.76 -8.84 -7.38
CA PRO A 250 -21.06 -8.67 -8.81
C PRO A 250 -20.25 -7.58 -9.47
N GLU A 251 -19.84 -6.57 -8.69
CA GLU A 251 -18.98 -5.50 -9.19
C GLU A 251 -17.66 -6.04 -9.73
N LEU A 252 -17.26 -7.23 -9.26
CA LEU A 252 -15.96 -7.80 -9.61
C LEU A 252 -15.98 -8.73 -10.81
N LEU A 253 -17.18 -8.97 -11.33
CA LEU A 253 -17.39 -10.01 -12.34
C LEU A 253 -17.74 -9.45 -13.70
N ALA A 254 -17.30 -10.12 -14.76
CA ALA A 254 -17.63 -9.74 -16.12
C ALA A 254 -19.09 -10.10 -16.43
N PRO A 255 -19.63 -9.64 -17.57
CA PRO A 255 -20.99 -10.01 -17.98
C PRO A 255 -21.26 -11.51 -18.01
N ASN A 256 -20.27 -12.34 -18.26
CA ASN A 256 -20.47 -13.79 -18.26
C ASN A 256 -20.28 -14.45 -16.89
N GLY A 257 -20.06 -13.64 -15.86
CA GLY A 257 -19.94 -14.18 -14.52
C GLY A 257 -18.52 -14.44 -14.05
N ASP A 258 -17.54 -14.34 -14.96
CA ASP A 258 -16.15 -14.62 -14.63
C ASP A 258 -15.55 -13.49 -13.81
N LEU A 259 -14.75 -13.82 -12.81
CA LEU A 259 -13.96 -12.83 -12.09
C LEU A 259 -12.99 -12.17 -13.06
N TYR A 260 -12.93 -10.84 -13.09
CA TYR A 260 -11.86 -10.18 -13.82
C TYR A 260 -10.50 -10.60 -13.29
N ASN A 261 -9.54 -10.75 -14.20
CA ASN A 261 -8.20 -11.19 -13.82
C ASN A 261 -7.50 -10.34 -12.77
N VAL A 262 -7.71 -9.03 -12.87
CA VAL A 262 -7.08 -8.11 -11.95
C VAL A 262 -7.52 -8.38 -10.51
N PHE A 263 -8.79 -8.80 -10.34
CA PHE A 263 -9.31 -9.14 -9.02
C PHE A 263 -8.87 -10.53 -8.62
N ALA A 264 -8.75 -11.43 -9.59
CA ALA A 264 -8.27 -12.79 -9.30
C ALA A 264 -6.81 -12.76 -8.81
N TRP A 265 -5.99 -11.88 -9.39
CA TRP A 265 -4.61 -11.71 -8.93
C TRP A 265 -4.55 -11.15 -7.50
N ALA A 266 -5.46 -10.25 -7.17
CA ALA A 266 -5.55 -9.73 -5.80
C ALA A 266 -5.92 -10.84 -4.81
N LEU A 267 -6.78 -11.76 -5.22
CA LEU A 267 -7.06 -12.95 -4.41
C LEU A 267 -5.85 -13.89 -4.29
N ASP A 268 -5.06 -14.02 -5.36
CA ASP A 268 -3.79 -14.77 -5.27
C ASP A 268 -2.84 -14.14 -4.25
N VAL A 269 -2.82 -12.82 -4.23
CA VAL A 269 -2.06 -12.12 -3.21
C VAL A 269 -2.61 -12.41 -1.81
N LEU A 270 -3.93 -12.31 -1.67
CA LEU A 270 -4.56 -12.57 -0.38
C LEU A 270 -4.17 -13.97 0.12
N ALA A 271 -4.22 -14.94 -0.78
CA ALA A 271 -3.92 -16.33 -0.43
C ALA A 271 -2.47 -16.45 0.05
N LYS A 272 -1.55 -15.81 -0.68
CA LYS A 272 -0.13 -15.86 -0.34
C LYS A 272 0.16 -15.21 1.02
N ARG A 273 -0.40 -14.03 1.27
CA ARG A 273 -0.17 -13.32 2.52
C ARG A 273 -0.69 -14.09 3.74
N LEU A 274 -1.87 -14.71 3.61
CA LEU A 274 -2.54 -15.32 4.75
C LEU A 274 -2.04 -16.69 5.16
N ARG A 275 -1.60 -17.48 4.18
CA ARG A 275 -1.28 -18.88 4.46
C ARG A 275 -0.06 -19.04 5.36
N SER A 276 0.85 -18.07 5.34
CA SER A 276 2.05 -18.23 6.16
C SER A 276 1.96 -17.55 7.53
N MET A 277 0.78 -17.01 7.86
CA MET A 277 0.56 -16.44 9.18
C MET A 277 0.25 -17.54 10.19
N HIS A 278 0.70 -17.34 11.42
CA HIS A 278 0.40 -18.31 12.46
C HIS A 278 -0.68 -17.73 13.38
N VAL A 279 -1.86 -18.34 13.34
CA VAL A 279 -3.02 -17.83 14.07
C VAL A 279 -3.15 -18.55 15.40
N PHE A 280 -3.44 -17.79 16.46
CA PHE A 280 -3.73 -18.35 17.77
C PHE A 280 -5.01 -17.69 18.27
N ILE A 281 -5.89 -18.48 18.89
CA ILE A 281 -7.16 -17.94 19.38
C ILE A 281 -7.11 -17.72 20.90
N LEU A 282 -7.45 -16.50 21.34
CA LEU A 282 -7.50 -16.14 22.76
C LEU A 282 -8.95 -15.98 23.20
N ASP A 283 -9.37 -16.84 24.12
CA ASP A 283 -10.70 -16.78 24.70
C ASP A 283 -10.79 -15.56 25.64
N TYR A 284 -11.58 -14.56 25.25
CA TYR A 284 -11.71 -13.37 26.09
C TYR A 284 -12.84 -13.47 27.12
N ASP A 285 -13.57 -14.59 27.10
CA ASP A 285 -14.68 -14.78 28.05
C ASP A 285 -14.17 -15.17 29.42
N GLN A 286 -13.29 -14.35 29.98
CA GLN A 286 -12.76 -14.55 31.31
C GLN A 286 -12.29 -13.22 31.89
N SER A 287 -11.69 -13.27 33.08
CA SER A 287 -11.21 -12.07 33.76
C SER A 287 -9.95 -11.52 33.07
N PRO A 288 -9.72 -10.20 33.20
CA PRO A 288 -8.53 -9.56 32.62
C PRO A 288 -7.23 -10.24 32.99
N ALA A 289 -7.10 -10.70 34.24
CA ALA A 289 -5.90 -11.41 34.66
C ALA A 289 -5.86 -12.77 33.98
N GLY A 290 -7.03 -13.38 33.81
CA GLY A 290 -7.15 -14.65 33.13
C GLY A 290 -6.75 -14.51 31.67
N CYS A 291 -7.31 -13.51 30.99
CA CYS A 291 -6.96 -13.21 29.61
C CYS A 291 -5.46 -13.04 29.46
N ARG A 292 -4.84 -12.35 30.42
CA ARG A 292 -3.42 -12.13 30.39
C ARG A 292 -2.66 -13.44 30.48
N ASP A 293 -3.12 -14.33 31.36
CA ASP A 293 -2.47 -15.61 31.58
C ASP A 293 -2.58 -16.46 30.33
N ALA A 294 -3.79 -16.49 29.77
CA ALA A 294 -4.05 -17.25 28.56
C ALA A 294 -3.18 -16.80 27.39
N LEU A 295 -2.92 -15.50 27.31
CA LEU A 295 -2.06 -14.95 26.28
C LEU A 295 -0.61 -15.42 26.47
N LEU A 296 -0.18 -15.49 27.72
CA LEU A 296 1.16 -15.94 28.01
C LEU A 296 1.31 -17.42 27.69
N GLN A 297 0.23 -18.17 27.91
CA GLN A 297 0.20 -19.60 27.61
C GLN A 297 0.37 -19.82 26.12
N LEU A 298 -0.34 -19.01 25.34
CA LEU A 298 -0.34 -19.11 23.87
C LEU A 298 1.05 -18.92 23.27
N THR A 299 1.95 -18.30 24.01
CA THR A 299 3.27 -17.94 23.46
C THR A 299 4.18 -19.12 23.15
N SER A 300 4.00 -20.23 23.87
CA SER A 300 4.88 -21.40 23.71
C SER A 300 4.84 -21.99 22.30
N GLY A 301 3.73 -21.77 21.61
CA GLY A 301 3.55 -22.29 20.27
C GLY A 301 3.83 -21.26 19.20
N MET A 302 4.28 -20.08 19.61
CA MET A 302 4.53 -19.04 18.62
C MET A 302 5.88 -19.18 17.98
N VAL A 303 6.01 -18.63 16.78
CA VAL A 303 7.23 -18.79 16.03
C VAL A 303 8.17 -17.60 16.19
N GLN A 304 9.41 -17.91 16.56
CA GLN A 304 10.46 -16.91 16.75
C GLN A 304 11.31 -16.83 15.50
N THR A 305 11.94 -15.67 15.31
CA THR A 305 12.87 -15.50 14.22
C THR A 305 14.18 -14.93 14.77
N HIS A 306 15.22 -14.98 13.96
CA HIS A 306 16.44 -14.23 14.26
C HIS A 306 16.22 -12.82 13.76
N VAL A 307 17.05 -11.89 14.23
CA VAL A 307 17.13 -10.58 13.62
C VAL A 307 18.34 -10.57 12.71
N THR A 308 18.51 -9.49 11.96
CA THR A 308 19.50 -9.48 10.89
C THR A 308 20.83 -8.81 11.25
N THR A 309 20.81 -7.93 12.26
CA THR A 309 22.02 -7.24 12.69
C THR A 309 22.15 -7.26 14.21
N PRO A 310 23.39 -7.13 14.71
CA PRO A 310 23.61 -7.02 16.16
C PRO A 310 22.88 -5.82 16.72
N GLY A 311 22.70 -4.78 15.90
CA GLY A 311 22.04 -3.57 16.34
C GLY A 311 20.52 -3.60 16.22
N SER A 312 19.99 -4.62 15.58
CA SER A 312 18.54 -4.74 15.35
C SER A 312 17.72 -4.65 16.64
N ILE A 313 18.09 -5.45 17.64
CA ILE A 313 17.36 -5.46 18.91
C ILE A 313 17.19 -4.09 19.59
N PRO A 314 18.30 -3.35 19.82
CA PRO A 314 18.07 -2.04 20.42
C PRO A 314 17.33 -1.06 19.51
N THR A 315 17.53 -1.16 18.20
CA THR A 315 16.79 -0.34 17.23
C THR A 315 15.28 -0.59 17.32
N ILE A 316 14.91 -1.86 17.48
CA ILE A 316 13.51 -2.25 17.58
C ILE A 316 12.86 -1.69 18.85
N CYS A 317 13.55 -1.86 19.98
CA CYS A 317 13.15 -1.27 21.24
C CYS A 317 12.91 0.23 21.14
N ASP A 318 13.86 0.91 20.50
CA ASP A 318 13.79 2.35 20.30
C ASP A 318 12.56 2.73 19.47
N LEU A 319 12.33 1.99 18.37
CA LEU A 319 11.16 2.19 17.52
C LEU A 319 9.88 2.05 18.33
N ALA A 320 9.81 0.98 19.10
CA ALA A 320 8.58 0.63 19.81
C ALA A 320 8.21 1.65 20.86
N ARG A 321 9.19 2.11 21.63
CA ARG A 321 8.94 3.08 22.68
C ARG A 321 8.63 4.46 22.11
N THR A 322 9.30 4.80 21.02
CA THR A 322 9.03 6.05 20.32
C THR A 322 7.59 6.09 19.78
N PHE A 323 7.19 4.99 19.15
CA PHE A 323 5.82 4.82 18.64
C PHE A 323 4.88 5.08 19.82
N ALA A 324 5.08 4.31 20.88
CA ALA A 324 4.23 4.39 22.08
C ALA A 324 4.11 5.81 22.60
N ARG A 325 5.24 6.45 22.81
CA ARG A 325 5.30 7.78 23.39
C ARG A 325 4.61 8.80 22.49
N GLU A 326 4.80 8.67 21.19
CA GLU A 326 4.27 9.66 20.26
C GLU A 326 2.80 9.41 19.89
N MET A 327 2.44 8.15 19.71
CA MET A 327 1.11 7.87 19.15
C MET A 327 0.12 7.14 20.06
N GLY A 328 0.61 6.56 21.14
CA GLY A 328 -0.27 5.97 22.13
C GLY A 328 -0.97 7.05 22.94
N GLU A 329 -2.15 6.73 23.49
CA GLU A 329 -2.88 7.67 24.33
C GLU A 329 -2.07 8.07 25.56
N MET B 1 20.15 -19.43 -15.45
CA MET B 1 18.77 -18.98 -15.65
C MET B 1 18.66 -17.93 -16.75
N PRO B 2 17.57 -18.00 -17.55
CA PRO B 2 17.29 -16.94 -18.53
C PRO B 2 17.07 -15.60 -17.82
N THR B 3 17.35 -14.50 -18.53
CA THR B 3 17.29 -13.18 -17.92
C THR B 3 16.10 -12.37 -18.39
N LEU B 4 15.76 -11.37 -17.58
CA LEU B 4 14.62 -10.53 -17.84
C LEU B 4 15.05 -9.08 -17.78
N LEU B 5 14.48 -8.27 -18.65
CA LEU B 5 14.69 -6.85 -18.61
C LEU B 5 13.33 -6.18 -18.38
N ARG B 6 13.22 -5.46 -17.27
CA ARG B 6 12.00 -4.74 -16.94
C ARG B 6 12.23 -3.25 -17.09
N VAL B 7 11.37 -2.58 -17.86
CA VAL B 7 11.50 -1.15 -18.10
C VAL B 7 10.17 -0.44 -17.87
N TYR B 8 10.16 0.47 -16.89
CA TYR B 8 8.98 1.24 -16.57
C TYR B 8 9.09 2.63 -17.19
N ILE B 9 8.20 2.95 -18.12
CA ILE B 9 8.18 4.29 -18.73
C ILE B 9 7.25 5.18 -17.90
N ASP B 10 7.81 6.24 -17.32
CA ASP B 10 7.02 7.06 -16.39
C ASP B 10 7.27 8.55 -16.62
N GLY B 11 6.64 9.39 -15.82
CA GLY B 11 6.80 10.82 -15.98
C GLY B 11 5.44 11.43 -16.18
N PRO B 12 5.40 12.77 -16.30
CA PRO B 12 4.12 13.46 -16.50
C PRO B 12 3.43 12.97 -17.74
N HIS B 13 2.10 13.01 -17.68
CA HIS B 13 1.26 12.73 -18.83
C HIS B 13 1.47 13.78 -19.91
N GLY B 14 1.24 13.38 -21.16
CA GLY B 14 1.24 14.30 -22.27
C GLY B 14 2.57 14.48 -22.99
N MET B 15 3.54 13.61 -22.73
CA MET B 15 4.86 13.75 -23.35
C MET B 15 5.07 12.84 -24.55
N GLY B 16 4.23 11.83 -24.70
CA GLY B 16 4.39 10.86 -25.78
C GLY B 16 4.91 9.51 -25.32
N LYS B 17 4.83 9.24 -24.02
CA LYS B 17 5.27 7.98 -23.43
C LYS B 17 4.64 6.76 -24.09
N THR B 18 3.32 6.78 -24.21
CA THR B 18 2.60 5.61 -24.74
C THR B 18 3.00 5.32 -26.19
N THR B 19 3.06 6.36 -27.01
CA THR B 19 3.46 6.22 -28.41
C THR B 19 4.87 5.66 -28.56
N THR B 20 5.80 6.21 -27.78
CA THR B 20 7.20 5.81 -27.86
C THR B 20 7.33 4.33 -27.52
N THR B 21 6.62 3.93 -26.49
CA THR B 21 6.64 2.55 -26.02
C THR B 21 6.15 1.57 -27.09
N GLN B 22 4.98 1.86 -27.66
CA GLN B 22 4.38 1.02 -28.70
C GLN B 22 5.32 0.87 -29.88
N LEU B 23 5.98 1.96 -30.25
CA LEU B 23 6.93 1.94 -31.36
C LEU B 23 8.11 1.02 -31.03
N LEU B 24 8.55 1.05 -29.79
CA LEU B 24 9.65 0.18 -29.36
C LEU B 24 9.21 -1.28 -29.43
N VAL B 25 8.02 -1.54 -28.90
CA VAL B 25 7.46 -2.88 -28.88
C VAL B 25 7.30 -3.41 -30.31
N ALA B 26 6.98 -2.51 -31.23
CA ALA B 26 6.79 -2.88 -32.64
C ALA B 26 8.08 -3.39 -33.30
N LEU B 27 9.22 -3.04 -32.73
CA LEU B 27 10.53 -3.43 -33.27
C LEU B 27 10.84 -4.91 -33.02
N GLY B 28 10.27 -5.47 -31.97
CA GLY B 28 10.67 -6.79 -31.54
C GLY B 28 9.84 -7.89 -32.17
N SER B 29 10.37 -9.11 -32.13
CA SER B 29 9.57 -10.28 -32.45
C SER B 29 8.39 -10.32 -31.48
N ARG B 30 7.33 -11.02 -31.87
CA ARG B 30 6.11 -11.08 -31.07
C ARG B 30 6.42 -11.30 -29.60
N ASP B 31 7.15 -12.37 -29.30
CA ASP B 31 7.32 -12.78 -27.92
C ASP B 31 8.73 -12.64 -27.32
N ASP B 32 9.49 -11.64 -27.71
CA ASP B 32 10.72 -11.33 -27.00
C ASP B 32 10.59 -10.03 -26.20
N ILE B 33 9.51 -9.29 -26.48
CA ILE B 33 9.14 -8.10 -25.73
C ILE B 33 7.61 -8.05 -25.54
N VAL B 34 7.17 -7.70 -24.33
CA VAL B 34 5.73 -7.53 -24.10
C VAL B 34 5.48 -6.20 -23.39
N TYR B 35 4.34 -5.60 -23.70
CA TYR B 35 3.94 -4.30 -23.16
C TYR B 35 2.85 -4.49 -22.09
N VAL B 36 3.06 -3.92 -20.91
CA VAL B 36 1.99 -3.75 -19.93
C VAL B 36 1.46 -2.32 -20.01
N PRO B 37 0.30 -2.14 -20.68
CA PRO B 37 -0.17 -0.79 -21.00
C PRO B 37 -0.85 -0.09 -19.84
N GLU B 38 -1.24 1.15 -20.10
CA GLU B 38 -2.03 1.94 -19.19
C GLU B 38 -3.37 1.23 -18.95
N PRO B 39 -3.73 0.99 -17.68
CA PRO B 39 -4.95 0.19 -17.43
C PRO B 39 -6.21 1.06 -17.47
N MET B 40 -6.39 1.79 -18.57
CA MET B 40 -7.48 2.76 -18.71
C MET B 40 -8.87 2.14 -18.50
N THR B 41 -9.01 0.87 -18.84
CA THR B 41 -10.29 0.18 -18.65
C THR B 41 -10.58 -0.03 -17.16
N TYR B 42 -9.54 -0.32 -16.38
CA TYR B 42 -9.71 -0.42 -14.93
C TYR B 42 -10.16 0.92 -14.37
N TRP B 43 -9.49 1.98 -14.82
CA TRP B 43 -9.76 3.33 -14.32
C TRP B 43 -11.14 3.85 -14.70
N ARG B 44 -11.63 3.42 -15.86
CA ARG B 44 -12.83 4.01 -16.43
C ARG B 44 -14.07 3.19 -16.08
N VAL B 45 -13.89 1.88 -15.93
CA VAL B 45 -15.01 0.95 -15.74
C VAL B 45 -14.87 -0.03 -14.58
N LEU B 46 -13.79 -0.81 -14.57
CA LEU B 46 -13.71 -1.96 -13.68
C LEU B 46 -13.54 -1.61 -12.20
N GLY B 47 -12.66 -0.64 -11.90
CA GLY B 47 -12.39 -0.30 -10.52
C GLY B 47 -13.37 0.71 -9.94
N ALA B 48 -13.87 1.58 -10.81
CA ALA B 48 -14.81 2.64 -10.46
C ALA B 48 -15.19 3.29 -11.78
N SER B 49 -16.14 4.23 -11.74
CA SER B 49 -16.63 4.85 -12.96
C SER B 49 -15.91 6.16 -13.28
N GLU B 50 -15.27 6.20 -14.46
CA GLU B 50 -14.61 7.42 -14.95
C GLU B 50 -13.74 8.14 -13.91
N THR B 51 -12.74 7.44 -13.39
CA THR B 51 -11.92 7.97 -12.31
C THR B 51 -11.17 9.25 -12.69
N ILE B 52 -10.63 9.29 -13.91
CA ILE B 52 -9.92 10.47 -14.38
C ILE B 52 -10.82 11.70 -14.38
N ALA B 53 -12.03 11.53 -14.92
CA ALA B 53 -13.02 12.61 -14.93
C ALA B 53 -13.34 13.08 -13.52
N ASN B 54 -13.54 12.12 -12.62
CA ASN B 54 -13.76 12.41 -11.20
C ASN B 54 -12.64 13.25 -10.58
N ILE B 55 -11.40 12.91 -10.89
CA ILE B 55 -10.22 13.62 -10.40
C ILE B 55 -10.20 15.06 -10.92
N TYR B 56 -10.36 15.22 -12.23
CA TYR B 56 -10.29 16.53 -12.84
C TYR B 56 -11.48 17.42 -12.49
N THR B 57 -12.64 16.80 -12.26
CA THR B 57 -13.83 17.56 -11.87
C THR B 57 -13.74 18.03 -10.42
N THR B 58 -13.21 17.17 -9.57
CA THR B 58 -13.01 17.49 -8.15
C THR B 58 -12.02 18.66 -7.93
N GLN B 59 -10.93 18.66 -8.71
CA GLN B 59 -9.95 19.75 -8.64
C GLN B 59 -10.57 21.06 -9.10
N HIS B 60 -11.36 20.99 -10.19
CA HIS B 60 -12.00 22.17 -10.75
C HIS B 60 -12.94 22.81 -9.73
N ARG B 61 -13.77 22.00 -9.09
CA ARG B 61 -14.71 22.50 -8.10
C ARG B 61 -14.00 23.03 -6.88
N LEU B 62 -12.82 22.51 -6.60
CA LEU B 62 -12.03 23.03 -5.49
C LEU B 62 -11.51 24.40 -5.87
N ASP B 63 -10.96 24.48 -7.08
CA ASP B 63 -10.43 25.73 -7.60
C ASP B 63 -11.51 26.81 -7.72
N GLN B 64 -12.75 26.39 -7.97
CA GLN B 64 -13.87 27.31 -8.06
C GLN B 64 -14.47 27.62 -6.69
N GLY B 65 -14.03 26.88 -5.68
CA GLY B 65 -14.49 27.08 -4.32
C GLY B 65 -15.88 26.53 -4.08
N GLU B 66 -16.28 25.57 -4.91
CA GLU B 66 -17.58 24.94 -4.77
C GLU B 66 -17.58 23.85 -3.72
N ILE B 67 -16.38 23.37 -3.37
CA ILE B 67 -16.22 22.38 -2.30
C ILE B 67 -15.03 22.75 -1.43
N SER B 68 -14.93 22.15 -0.25
CA SER B 68 -13.83 22.44 0.67
C SER B 68 -12.60 21.61 0.35
N ALA B 69 -11.49 21.94 0.99
CA ALA B 69 -10.24 21.20 0.84
C ALA B 69 -10.43 19.77 1.36
N GLY B 70 -11.17 19.64 2.44
CA GLY B 70 -11.42 18.34 3.03
C GLY B 70 -12.19 17.45 2.10
N ASP B 71 -13.21 18.00 1.44
CA ASP B 71 -14.01 17.22 0.50
C ASP B 71 -13.18 16.78 -0.70
N ALA B 72 -12.33 17.68 -1.19
CA ALA B 72 -11.48 17.36 -2.33
C ALA B 72 -10.52 16.21 -1.98
N ALA B 73 -9.88 16.33 -0.82
CA ALA B 73 -8.90 15.36 -0.35
C ALA B 73 -9.44 13.94 -0.16
N VAL B 74 -10.64 13.80 0.36
CA VAL B 74 -11.19 12.45 0.51
C VAL B 74 -11.46 11.82 -0.86
N VAL B 75 -11.90 12.62 -1.82
CA VAL B 75 -12.10 12.15 -3.19
C VAL B 75 -10.78 11.78 -3.87
N MET B 76 -9.78 12.66 -3.76
CA MET B 76 -8.48 12.43 -4.40
C MET B 76 -7.77 11.20 -3.81
N THR B 77 -7.80 11.07 -2.48
CA THR B 77 -7.21 9.93 -1.80
C THR B 77 -7.87 8.62 -2.25
N SER B 78 -9.20 8.59 -2.28
CA SER B 78 -9.94 7.42 -2.78
C SER B 78 -9.66 7.12 -4.24
N ALA B 79 -9.61 8.16 -5.06
CA ALA B 79 -9.36 7.95 -6.49
C ALA B 79 -7.95 7.40 -6.74
N GLN B 80 -6.98 7.91 -5.99
CA GLN B 80 -5.59 7.45 -6.11
C GLN B 80 -5.46 5.96 -5.76
N ILE B 81 -6.21 5.51 -4.76
CA ILE B 81 -6.28 4.08 -4.44
C ILE B 81 -6.69 3.29 -5.67
N THR B 82 -7.78 3.71 -6.31
CA THR B 82 -8.26 3.08 -7.54
C THR B 82 -7.23 3.17 -8.67
N MET B 83 -6.65 4.35 -8.84
CA MET B 83 -5.64 4.54 -9.87
C MET B 83 -4.49 3.55 -9.73
N GLY B 84 -4.05 3.31 -8.51
CA GLY B 84 -2.86 2.51 -8.28
C GLY B 84 -3.03 1.02 -8.24
N MET B 85 -4.26 0.55 -8.08
CA MET B 85 -4.52 -0.88 -7.90
C MET B 85 -3.88 -1.81 -8.98
N PRO B 86 -4.05 -1.49 -10.28
CA PRO B 86 -3.45 -2.43 -11.24
C PRO B 86 -1.91 -2.51 -11.17
N TYR B 87 -1.26 -1.39 -10.87
CA TYR B 87 0.20 -1.39 -10.73
C TYR B 87 0.60 -2.24 -9.55
N ALA B 88 -0.14 -2.11 -8.44
CA ALA B 88 0.20 -2.82 -7.21
C ALA B 88 0.04 -4.32 -7.37
N VAL B 89 -1.06 -4.77 -7.97
CA VAL B 89 -1.26 -6.22 -8.07
C VAL B 89 -0.27 -6.84 -9.01
N THR B 90 0.02 -6.12 -10.10
CA THR B 90 1.00 -6.58 -11.06
C THR B 90 2.37 -6.76 -10.42
N ASP B 91 2.78 -5.77 -9.66
CA ASP B 91 4.04 -5.86 -8.93
C ASP B 91 4.02 -7.05 -7.96
N ALA B 92 2.90 -7.26 -7.28
CA ALA B 92 2.84 -8.31 -6.27
C ALA B 92 2.92 -9.71 -6.89
N VAL B 93 2.32 -9.88 -8.07
CA VAL B 93 2.33 -11.20 -8.71
C VAL B 93 3.63 -11.47 -9.44
N LEU B 94 4.29 -10.39 -9.86
CA LEU B 94 5.59 -10.49 -10.55
C LEU B 94 6.71 -10.83 -9.56
N ALA B 95 6.65 -10.23 -8.38
CA ALA B 95 7.71 -10.30 -7.37
C ALA B 95 8.39 -11.66 -7.16
N PRO B 96 7.62 -12.75 -6.93
CA PRO B 96 8.29 -14.04 -6.68
C PRO B 96 9.03 -14.59 -7.90
N HIS B 97 8.83 -14.00 -9.06
CA HIS B 97 9.49 -14.46 -10.28
C HIS B 97 10.85 -13.81 -10.54
N ILE B 98 11.16 -12.75 -9.80
CA ILE B 98 12.36 -11.97 -10.06
C ILE B 98 13.50 -12.43 -9.17
N GLY B 99 14.64 -12.75 -9.78
CA GLY B 99 15.84 -13.11 -9.02
C GLY B 99 16.80 -11.94 -8.92
N GLY B 100 18.08 -12.24 -8.67
CA GLY B 100 19.08 -11.19 -8.54
C GLY B 100 19.47 -10.51 -9.84
N GLU B 101 20.11 -9.35 -9.74
CA GLU B 101 20.57 -8.61 -10.92
C GLU B 101 21.68 -9.34 -11.68
N ALA B 102 21.53 -9.41 -13.00
CA ALA B 102 22.45 -10.15 -13.85
C ALA B 102 23.22 -9.23 -14.80
N ALA B 107 26.54 -8.08 -21.13
CA ALA B 107 25.55 -9.14 -20.87
C ALA B 107 24.77 -9.53 -22.12
N PRO B 108 24.55 -10.84 -22.32
CA PRO B 108 23.75 -11.40 -23.43
C PRO B 108 22.32 -10.88 -23.39
N PRO B 109 21.64 -10.84 -24.55
CA PRO B 109 20.28 -10.30 -24.65
C PRO B 109 19.31 -11.01 -23.72
N PRO B 110 18.40 -10.26 -23.11
CA PRO B 110 17.40 -10.89 -22.24
C PRO B 110 16.50 -11.82 -23.02
N ALA B 111 16.11 -12.92 -22.39
CA ALA B 111 15.15 -13.83 -23.00
C ALA B 111 13.80 -13.15 -23.15
N LEU B 112 13.55 -12.14 -22.30
CA LEU B 112 12.28 -11.40 -22.33
C LEU B 112 12.46 -9.97 -21.85
N THR B 113 11.88 -9.03 -22.60
CA THR B 113 11.83 -7.65 -22.15
C THR B 113 10.37 -7.30 -21.82
N LEU B 114 10.15 -6.79 -20.62
CA LEU B 114 8.83 -6.34 -20.18
C LEU B 114 8.85 -4.83 -20.06
N ILE B 115 8.04 -4.14 -20.86
CA ILE B 115 7.94 -2.69 -20.78
C ILE B 115 6.61 -2.32 -20.12
N PHE B 116 6.65 -1.42 -19.14
CA PHE B 116 5.44 -1.01 -18.44
C PHE B 116 5.10 0.44 -18.73
N ASP B 117 3.81 0.71 -18.90
CA ASP B 117 3.29 2.07 -18.81
C ASP B 117 3.15 2.44 -17.32
N ARG B 118 4.18 3.08 -16.78
CA ARG B 118 4.26 3.53 -15.38
C ARG B 118 4.63 2.46 -14.35
N HIS B 119 5.26 2.95 -13.28
CA HIS B 119 5.64 2.18 -12.11
C HIS B 119 4.62 2.49 -11.00
N PRO B 120 4.47 1.58 -10.01
CA PRO B 120 3.62 1.87 -8.84
C PRO B 120 3.84 3.24 -8.19
N ILE B 121 5.06 3.79 -8.21
CA ILE B 121 5.30 5.08 -7.57
C ILE B 121 4.56 6.23 -8.25
N ALA B 122 4.12 6.05 -9.49
CA ALA B 122 3.33 7.08 -10.14
C ALA B 122 2.09 7.37 -9.30
N ALA B 123 1.43 6.30 -8.87
CA ALA B 123 0.13 6.41 -8.19
C ALA B 123 0.26 6.42 -6.67
N LEU B 124 1.38 5.93 -6.17
CA LEU B 124 1.60 5.87 -4.72
C LEU B 124 2.51 6.97 -4.20
N LEU B 125 2.94 7.86 -5.10
CA LEU B 125 3.90 8.91 -4.72
C LEU B 125 3.77 10.16 -5.56
N CYS B 126 3.94 10.03 -6.88
CA CYS B 126 4.07 11.19 -7.75
C CYS B 126 2.78 11.99 -7.92
N TYR B 127 1.72 11.33 -8.36
CA TYR B 127 0.44 12.03 -8.47
C TYR B 127 -0.12 12.52 -7.12
N PRO B 128 -0.01 11.70 -6.05
CA PRO B 128 -0.37 12.23 -4.72
C PRO B 128 0.42 13.47 -4.31
N ALA B 129 1.73 13.45 -4.49
CA ALA B 129 2.57 14.61 -4.20
C ALA B 129 2.11 15.84 -4.99
N ALA B 130 1.75 15.64 -6.26
CA ALA B 130 1.29 16.75 -7.10
C ALA B 130 -0.06 17.28 -6.64
N ARG B 131 -0.98 16.37 -6.32
CA ARG B 131 -2.27 16.78 -5.77
C ARG B 131 -2.08 17.53 -4.45
N TYR B 132 -1.08 17.14 -3.67
CA TYR B 132 -0.76 17.90 -2.46
C TYR B 132 -0.35 19.34 -2.78
N LEU B 133 0.49 19.53 -3.78
CA LEU B 133 0.87 20.87 -4.22
C LEU B 133 -0.34 21.64 -4.79
N MET B 134 -1.33 20.92 -5.30
CA MET B 134 -2.54 21.54 -5.82
C MET B 134 -3.58 21.83 -4.73
N GLY B 135 -3.28 21.45 -3.49
CA GLY B 135 -4.16 21.71 -2.38
C GLY B 135 -5.28 20.70 -2.18
N SER B 136 -5.23 19.60 -2.91
CA SER B 136 -6.34 18.63 -2.87
C SER B 136 -5.96 17.30 -2.20
N MET B 137 -4.79 17.22 -1.59
CA MET B 137 -4.45 16.08 -0.74
C MET B 137 -3.60 16.56 0.41
N THR B 138 -3.77 15.95 1.57
CA THR B 138 -3.00 16.30 2.74
C THR B 138 -1.62 15.66 2.65
N PRO B 139 -0.61 16.27 3.28
CA PRO B 139 0.69 15.59 3.20
C PRO B 139 0.72 14.30 4.01
N GLN B 140 -0.16 14.16 5.01
CA GLN B 140 -0.23 12.91 5.76
C GLN B 140 -0.67 11.74 4.88
N ALA B 141 -1.65 11.98 4.01
CA ALA B 141 -2.12 10.93 3.11
C ALA B 141 -1.06 10.58 2.06
N VAL B 142 -0.32 11.57 1.58
CA VAL B 142 0.79 11.30 0.65
C VAL B 142 1.79 10.34 1.33
N LEU B 143 2.09 10.59 2.60
CA LEU B 143 3.07 9.78 3.30
C LEU B 143 2.52 8.41 3.67
N ALA B 144 1.20 8.30 3.78
CA ALA B 144 0.56 7.00 3.94
C ALA B 144 0.71 6.16 2.67
N PHE B 145 0.53 6.78 1.51
CA PHE B 145 0.80 6.11 0.22
C PHE B 145 2.27 5.68 0.09
N VAL B 146 3.17 6.57 0.50
CA VAL B 146 4.62 6.27 0.47
C VAL B 146 4.93 5.03 1.32
N ALA B 147 4.34 4.97 2.50
CA ALA B 147 4.55 3.84 3.41
C ALA B 147 4.11 2.51 2.80
N LEU B 148 3.20 2.60 1.83
CA LEU B 148 2.65 1.41 1.18
C LEU B 148 3.34 1.05 -0.14
N ILE B 149 4.32 1.83 -0.58
CA ILE B 149 5.06 1.50 -1.81
C ILE B 149 5.71 0.13 -1.62
N PRO B 150 5.49 -0.80 -2.55
CA PRO B 150 6.06 -2.14 -2.36
C PRO B 150 7.58 -2.15 -2.44
N PRO B 151 8.21 -3.16 -1.81
CA PRO B 151 9.67 -3.26 -1.85
C PRO B 151 10.16 -3.20 -3.30
N THR B 152 11.25 -2.49 -3.53
CA THR B 152 11.73 -2.27 -4.89
C THR B 152 12.47 -3.50 -5.39
N LEU B 153 11.91 -4.15 -6.39
CA LEU B 153 12.51 -5.36 -6.95
C LEU B 153 13.85 -5.04 -7.63
N PRO B 154 14.78 -6.01 -7.62
CA PRO B 154 16.01 -5.88 -8.40
C PRO B 154 15.71 -5.52 -9.85
N GLY B 155 16.60 -4.78 -10.50
CA GLY B 155 16.44 -4.51 -11.91
C GLY B 155 15.25 -3.62 -12.22
N THR B 156 14.93 -2.72 -11.31
CA THR B 156 13.88 -1.75 -11.56
C THR B 156 14.44 -0.56 -12.32
N ASN B 157 14.28 -0.61 -13.64
CA ASN B 157 14.71 0.47 -14.52
C ASN B 157 13.56 1.42 -14.81
N ILE B 158 13.71 2.67 -14.42
CA ILE B 158 12.66 3.63 -14.68
C ILE B 158 13.13 4.68 -15.66
N VAL B 159 12.33 4.90 -16.71
CA VAL B 159 12.64 5.94 -17.68
C VAL B 159 11.74 7.14 -17.44
N LEU B 160 12.32 8.28 -17.11
CA LEU B 160 11.55 9.50 -16.94
C LEU B 160 11.74 10.36 -18.17
N GLY B 161 10.90 11.38 -18.33
CA GLY B 161 10.92 12.16 -19.55
C GLY B 161 11.30 13.62 -19.41
N ALA B 162 12.10 14.11 -20.36
CA ALA B 162 12.44 15.53 -20.44
C ALA B 162 11.77 16.17 -21.66
N LEU B 163 11.20 17.35 -21.44
CA LEU B 163 10.48 18.06 -22.48
C LEU B 163 10.28 19.50 -22.03
N PRO B 164 10.66 20.47 -22.87
CA PRO B 164 10.50 21.89 -22.53
C PRO B 164 9.05 22.22 -22.24
N GLU B 165 8.82 23.07 -21.24
CA GLU B 165 7.47 23.31 -20.73
C GLU B 165 6.52 23.80 -21.83
N ASP B 166 7.04 24.65 -22.71
CA ASP B 166 6.27 25.21 -23.81
C ASP B 166 5.81 24.14 -24.81
N ARG B 167 6.73 23.26 -25.21
CA ARG B 167 6.39 22.13 -26.07
C ARG B 167 5.42 21.20 -25.36
N HIS B 168 5.65 20.97 -24.08
CA HIS B 168 4.78 20.10 -23.29
C HIS B 168 3.36 20.65 -23.28
N ILE B 169 3.23 21.94 -22.97
CA ILE B 169 1.91 22.59 -22.95
C ILE B 169 1.18 22.44 -24.29
N ASP B 170 1.89 22.70 -25.39
CA ASP B 170 1.32 22.59 -26.74
C ASP B 170 0.85 21.17 -27.01
N ARG B 171 1.72 20.20 -26.73
CA ARG B 171 1.39 18.81 -26.94
CA ARG B 171 1.39 18.81 -26.94
C ARG B 171 0.17 18.40 -26.11
N LEU B 172 0.03 19.00 -24.94
CA LEU B 172 -1.12 18.72 -24.08
C LEU B 172 -2.36 19.45 -24.60
N ALA B 173 -2.18 20.72 -24.96
CA ALA B 173 -3.27 21.58 -25.43
C ALA B 173 -3.94 21.08 -26.70
N LYS B 174 -3.40 20.01 -27.28
CA LYS B 174 -4.05 19.34 -28.39
C LYS B 174 -4.68 18.05 -27.85
N ARG B 175 -3.89 16.98 -27.84
CA ARG B 175 -4.37 15.67 -27.39
C ARG B 175 -4.75 15.68 -25.91
N PRO B 178 -11.16 9.57 -21.50
CA PRO B 178 -10.28 10.23 -20.53
C PRO B 178 -11.08 10.95 -19.44
N GLY B 179 -11.52 12.17 -19.71
CA GLY B 179 -12.22 12.97 -18.72
C GLY B 179 -11.31 14.07 -18.20
N GLU B 180 -10.18 14.25 -18.86
CA GLU B 180 -9.19 15.23 -18.44
C GLU B 180 -9.58 16.66 -18.82
N ARG B 181 -9.12 17.63 -18.04
CA ARG B 181 -9.28 19.04 -18.36
C ARG B 181 -7.91 19.69 -18.44
N LEU B 182 -7.78 20.75 -19.25
CA LEU B 182 -6.49 21.42 -19.47
C LEU B 182 -6.07 22.29 -18.28
N ASP B 183 -5.33 21.68 -17.36
CA ASP B 183 -4.95 22.32 -16.12
C ASP B 183 -3.45 22.54 -16.10
N LEU B 184 -3.03 23.77 -16.37
CA LEU B 184 -1.61 24.11 -16.43
C LEU B 184 -0.95 24.11 -15.06
N ALA B 185 -1.71 24.38 -14.01
CA ALA B 185 -1.17 24.34 -12.65
C ALA B 185 -0.80 22.91 -12.26
N MET B 186 -1.67 21.96 -12.64
CA MET B 186 -1.42 20.53 -12.42
C MET B 186 -0.23 20.08 -13.26
N LEU B 187 -0.14 20.58 -14.49
CA LEU B 187 0.96 20.24 -15.37
C LEU B 187 2.29 20.68 -14.74
N ALA B 188 2.32 21.91 -14.22
CA ALA B 188 3.51 22.41 -13.53
C ALA B 188 3.86 21.57 -12.29
N ALA B 189 2.84 21.25 -11.50
CA ALA B 189 3.02 20.45 -10.30
C ALA B 189 3.61 19.06 -10.59
N ILE B 190 3.04 18.37 -11.58
CA ILE B 190 3.51 17.01 -11.87
C ILE B 190 4.89 17.03 -12.53
N ARG B 191 5.18 18.06 -13.34
CA ARG B 191 6.52 18.23 -13.88
C ARG B 191 7.51 18.49 -12.73
N ARG B 192 7.13 19.34 -11.77
CA ARG B 192 8.01 19.58 -10.62
C ARG B 192 8.27 18.30 -9.82
N VAL B 193 7.20 17.56 -9.57
CA VAL B 193 7.31 16.32 -8.78
C VAL B 193 8.26 15.31 -9.44
N TYR B 194 8.11 15.07 -10.73
CA TYR B 194 9.01 14.12 -11.41
C TYR B 194 10.44 14.64 -11.49
N GLY B 195 10.61 15.95 -11.60
CA GLY B 195 11.95 16.54 -11.51
C GLY B 195 12.56 16.29 -10.13
N LEU B 196 11.79 16.52 -9.08
CA LEU B 196 12.25 16.25 -7.71
C LEU B 196 12.58 14.77 -7.56
N LEU B 197 11.75 13.92 -8.15
CA LEU B 197 11.95 12.47 -8.10
C LEU B 197 13.32 12.07 -8.67
N ALA B 198 13.63 12.54 -9.87
CA ALA B 198 14.92 12.24 -10.49
C ALA B 198 16.08 12.69 -9.58
N ASN B 199 15.98 13.90 -9.06
CA ASN B 199 16.98 14.43 -8.15
C ASN B 199 17.11 13.61 -6.86
N THR B 200 15.98 13.07 -6.40
CA THR B 200 15.96 12.33 -5.15
C THR B 200 16.75 11.04 -5.30
N VAL B 201 16.55 10.36 -6.41
CA VAL B 201 17.28 9.12 -6.69
C VAL B 201 18.79 9.38 -6.75
N ARG B 202 19.17 10.44 -7.45
CA ARG B 202 20.58 10.77 -7.59
C ARG B 202 21.20 11.16 -6.23
N TYR B 203 20.44 11.95 -5.45
CA TYR B 203 20.85 12.33 -4.10
C TYR B 203 21.14 11.11 -3.24
N LEU B 204 20.25 10.12 -3.31
CA LEU B 204 20.38 8.92 -2.49
C LEU B 204 21.53 8.06 -2.95
N GLN B 205 21.70 7.97 -4.26
CA GLN B 205 22.76 7.15 -4.81
C GLN B 205 24.14 7.81 -4.63
N CYS B 206 24.14 9.12 -4.43
CA CYS B 206 25.38 9.83 -4.11
C CYS B 206 25.66 9.83 -2.62
N GLY B 207 24.90 9.05 -1.85
CA GLY B 207 25.14 8.93 -0.43
C GLY B 207 24.40 9.90 0.49
N GLY B 208 23.47 10.67 -0.07
CA GLY B 208 22.73 11.65 0.70
C GLY B 208 21.90 11.01 1.80
N SER B 209 21.96 11.60 2.98
CA SER B 209 21.19 11.15 4.13
C SER B 209 20.24 12.27 4.50
N TRP B 210 18.94 12.06 4.27
CA TRP B 210 17.95 13.13 4.47
C TRP B 210 17.92 13.62 5.92
N ARG B 211 18.08 12.71 6.88
CA ARG B 211 18.08 13.09 8.30
C ARG B 211 19.26 14.01 8.60
N GLU B 212 20.41 13.73 7.99
CA GLU B 212 21.60 14.56 8.18
C GLU B 212 21.42 15.95 7.58
N ASP B 213 20.72 16.02 6.46
CA ASP B 213 20.54 17.29 5.75
C ASP B 213 19.22 18.01 6.02
N TRP B 214 18.35 17.44 6.85
CA TRP B 214 17.03 18.03 7.09
C TRP B 214 17.10 19.51 7.48
N GLY B 215 18.04 19.85 8.34
CA GLY B 215 18.22 21.24 8.75
C GLY B 215 18.58 22.21 7.64
N GLN B 216 19.05 21.69 6.50
CA GLN B 216 19.44 22.55 5.38
C GLN B 216 18.23 23.05 4.61
N LEU B 217 17.05 22.58 5.01
CA LEU B 217 15.78 23.04 4.48
C LEU B 217 15.26 24.13 5.44
N SER B 218 14.71 25.20 4.87
CA SER B 218 14.05 26.22 5.68
C SER B 218 13.27 27.15 4.75
N GLY B 219 13.99 28.06 4.11
CA GLY B 219 13.40 28.92 3.10
C GLY B 219 13.53 28.24 1.74
N PRO B 229 17.23 18.80 -14.12
CA PRO B 229 17.35 17.58 -13.31
C PRO B 229 17.90 16.40 -14.11
N GLN B 230 18.42 15.41 -13.40
CA GLN B 230 18.99 14.23 -14.03
C GLN B 230 19.36 13.19 -12.97
N SER B 231 19.17 11.93 -13.30
CA SER B 231 19.89 10.91 -12.56
C SER B 231 20.83 10.16 -13.49
N ASN B 232 21.62 9.26 -12.88
CA ASN B 232 22.70 8.54 -13.52
C ASN B 232 23.88 9.47 -13.82
N ALA B 233 23.72 10.76 -13.52
CA ALA B 233 24.76 11.73 -13.82
C ALA B 233 24.75 12.93 -12.89
N GLY B 234 25.89 13.61 -12.82
CA GLY B 234 25.96 14.88 -12.13
C GLY B 234 26.34 14.74 -10.68
N PRO B 235 26.52 15.87 -10.00
CA PRO B 235 26.90 15.87 -8.59
C PRO B 235 25.69 15.62 -7.68
N ARG B 236 25.93 15.48 -6.39
CA ARG B 236 24.83 15.34 -5.42
C ARG B 236 23.96 16.59 -5.33
N PRO B 237 22.65 16.43 -5.56
CA PRO B 237 21.73 17.56 -5.42
C PRO B 237 21.60 18.03 -3.96
N HIS B 238 21.20 19.27 -3.78
CA HIS B 238 20.81 19.80 -2.47
C HIS B 238 19.48 19.16 -2.09
N ILE B 239 19.29 18.86 -0.81
CA ILE B 239 18.05 18.26 -0.34
C ILE B 239 16.81 19.09 -0.72
N GLY B 240 16.97 20.41 -0.78
CA GLY B 240 15.89 21.30 -1.19
C GLY B 240 15.45 21.12 -2.64
N ASP B 241 16.22 20.36 -3.42
CA ASP B 241 15.83 20.03 -4.79
C ASP B 241 15.40 18.57 -4.93
N THR B 242 15.03 17.94 -3.81
CA THR B 242 14.56 16.56 -3.82
C THR B 242 13.15 16.48 -3.26
N LEU B 243 12.54 15.29 -3.31
CA LEU B 243 11.18 15.12 -2.77
C LEU B 243 11.09 15.45 -1.27
N PHE B 244 12.21 15.32 -0.56
CA PHE B 244 12.20 15.56 0.89
C PHE B 244 11.74 16.96 1.25
N THR B 245 12.01 17.92 0.37
CA THR B 245 11.60 19.30 0.57
C THR B 245 10.08 19.50 0.69
N LEU B 246 9.30 18.61 0.09
CA LEU B 246 7.84 18.75 0.12
C LEU B 246 7.26 18.51 1.51
N PHE B 247 7.99 17.82 2.36
CA PHE B 247 7.45 17.40 3.66
C PHE B 247 7.86 18.23 4.86
N ARG B 248 8.39 19.43 4.63
CA ARG B 248 8.48 20.41 5.71
C ARG B 248 7.18 21.17 5.70
N ALA B 249 6.11 20.49 6.07
CA ALA B 249 4.79 21.08 6.09
C ALA B 249 4.39 21.20 7.56
N PRO B 250 3.69 22.28 7.92
CA PRO B 250 3.38 22.48 9.34
C PRO B 250 2.52 21.34 9.90
N GLU B 251 1.69 20.70 9.08
CA GLU B 251 0.93 19.54 9.54
C GLU B 251 1.82 18.43 10.08
N LEU B 252 3.04 18.34 9.57
CA LEU B 252 3.90 17.21 9.92
C LEU B 252 4.89 17.51 11.04
N LEU B 253 4.93 18.75 11.50
CA LEU B 253 5.91 19.16 12.50
C LEU B 253 5.35 19.27 13.93
N ALA B 254 6.11 18.73 14.88
CA ALA B 254 5.80 18.85 16.29
C ALA B 254 5.93 20.29 16.75
N PRO B 255 5.32 20.64 17.91
CA PRO B 255 5.47 21.98 18.47
C PRO B 255 6.94 22.37 18.58
N ASN B 256 7.80 21.41 18.89
CA ASN B 256 9.23 21.67 18.95
C ASN B 256 9.89 21.93 17.59
N GLY B 257 9.11 21.92 16.52
CA GLY B 257 9.62 22.15 15.19
C GLY B 257 10.13 20.95 14.41
N ASP B 258 10.36 19.81 15.08
CA ASP B 258 10.83 18.61 14.39
C ASP B 258 9.69 17.82 13.73
N LEU B 259 10.04 16.95 12.78
CA LEU B 259 9.09 16.03 12.16
C LEU B 259 8.63 15.05 13.21
N TYR B 260 7.33 14.77 13.27
CA TYR B 260 6.87 13.66 14.10
C TYR B 260 7.56 12.41 13.58
N ASN B 261 7.91 11.50 14.49
CA ASN B 261 8.61 10.29 14.10
C ASN B 261 7.84 9.44 13.09
N VAL B 262 6.52 9.43 13.19
CA VAL B 262 5.74 8.61 12.26
C VAL B 262 5.99 9.07 10.82
N PHE B 263 6.12 10.37 10.64
CA PHE B 263 6.37 10.92 9.31
C PHE B 263 7.84 10.73 8.91
N ALA B 264 8.74 10.77 9.89
CA ALA B 264 10.16 10.56 9.60
C ALA B 264 10.39 9.13 9.09
N TRP B 265 9.68 8.18 9.69
CA TRP B 265 9.79 6.78 9.27
C TRP B 265 9.27 6.58 7.84
N ALA B 266 8.25 7.34 7.47
CA ALA B 266 7.75 7.30 6.10
C ALA B 266 8.80 7.83 5.11
N LEU B 267 9.57 8.83 5.53
CA LEU B 267 10.66 9.33 4.68
C LEU B 267 11.82 8.33 4.59
N ASP B 268 12.09 7.62 5.69
CA ASP B 268 13.06 6.51 5.65
C ASP B 268 12.63 5.47 4.62
N VAL B 269 11.34 5.19 4.56
CA VAL B 269 10.79 4.25 3.57
C VAL B 269 10.94 4.82 2.17
N LEU B 270 10.61 6.09 2.01
CA LEU B 270 10.84 6.73 0.72
C LEU B 270 12.30 6.56 0.23
N ALA B 271 13.25 6.81 1.12
CA ALA B 271 14.66 6.70 0.77
C ALA B 271 15.04 5.27 0.39
N LYS B 272 14.56 4.31 1.15
CA LYS B 272 14.86 2.91 0.91
C LYS B 272 14.33 2.47 -0.47
N ARG B 273 13.10 2.85 -0.78
CA ARG B 273 12.46 2.42 -2.03
C ARG B 273 13.13 3.04 -3.27
N LEU B 274 13.45 4.33 -3.21
CA LEU B 274 14.02 5.02 -4.37
C LEU B 274 15.50 4.73 -4.63
N ARG B 275 16.25 4.39 -3.59
CA ARG B 275 17.70 4.40 -3.71
C ARG B 275 18.23 3.25 -4.54
N SER B 276 17.46 2.18 -4.68
CA SER B 276 17.93 1.03 -5.45
C SER B 276 17.40 1.03 -6.89
N MET B 277 16.65 2.07 -7.24
CA MET B 277 16.11 2.16 -8.59
C MET B 277 17.18 2.69 -9.55
N HIS B 278 17.08 2.27 -10.81
CA HIS B 278 17.99 2.70 -11.86
C HIS B 278 17.23 3.65 -12.77
N VAL B 279 17.55 4.94 -12.68
CA VAL B 279 16.79 5.97 -13.37
C VAL B 279 17.50 6.49 -14.62
N PHE B 280 16.73 6.68 -15.69
CA PHE B 280 17.25 7.17 -16.97
C PHE B 280 16.33 8.28 -17.45
N ILE B 281 16.88 9.24 -18.18
CA ILE B 281 16.08 10.34 -18.69
C ILE B 281 16.00 10.26 -20.20
N LEU B 282 14.78 10.29 -20.72
CA LEU B 282 14.54 10.25 -22.15
C LEU B 282 14.09 11.62 -22.63
N ASP B 283 14.74 12.12 -23.67
CA ASP B 283 14.38 13.41 -24.26
C ASP B 283 13.23 13.22 -25.25
N TYR B 284 12.04 13.72 -24.90
CA TYR B 284 10.87 13.58 -25.76
C TYR B 284 10.71 14.72 -26.80
N ASP B 285 11.65 15.64 -26.85
CA ASP B 285 11.56 16.77 -27.76
C ASP B 285 12.10 16.40 -29.14
N GLN B 286 11.47 15.39 -29.75
CA GLN B 286 11.83 14.92 -31.09
C GLN B 286 10.67 14.14 -31.63
N SER B 287 10.80 13.66 -32.87
CA SER B 287 9.73 12.89 -33.51
C SER B 287 9.48 11.57 -32.79
N PRO B 288 8.32 10.95 -33.02
CA PRO B 288 8.03 9.66 -32.42
C PRO B 288 9.09 8.60 -32.73
N ALA B 289 9.53 8.48 -33.98
CA ALA B 289 10.59 7.53 -34.29
C ALA B 289 11.90 7.91 -33.58
N GLY B 290 12.16 9.21 -33.47
CA GLY B 290 13.32 9.69 -32.73
C GLY B 290 13.29 9.22 -31.28
N CYS B 291 12.15 9.36 -30.62
CA CYS B 291 12.02 8.94 -29.22
C CYS B 291 12.24 7.44 -29.07
N ARG B 292 11.71 6.69 -30.03
CA ARG B 292 11.84 5.25 -30.06
C ARG B 292 13.31 4.83 -30.08
N ASP B 293 14.09 5.44 -30.97
CA ASP B 293 15.48 5.02 -31.13
C ASP B 293 16.32 5.48 -29.95
N ALA B 294 15.99 6.65 -29.41
CA ALA B 294 16.62 7.13 -28.17
C ALA B 294 16.36 6.14 -27.04
N LEU B 295 15.10 5.70 -26.92
CA LEU B 295 14.77 4.74 -25.87
C LEU B 295 15.51 3.44 -26.10
N LEU B 296 15.60 3.03 -27.35
CA LEU B 296 16.31 1.80 -27.67
C LEU B 296 17.78 1.85 -27.25
N GLN B 297 18.45 2.96 -27.55
CA GLN B 297 19.86 3.15 -27.17
C GLN B 297 19.99 3.12 -25.64
N LEU B 298 19.05 3.78 -24.97
CA LEU B 298 19.03 3.86 -23.51
C LEU B 298 18.99 2.49 -22.85
N THR B 299 18.32 1.52 -23.47
CA THR B 299 18.18 0.21 -22.84
C THR B 299 19.51 -0.51 -22.70
N SER B 300 20.48 -0.13 -23.52
CA SER B 300 21.81 -0.73 -23.47
C SER B 300 22.47 -0.62 -22.08
N GLY B 301 22.18 0.46 -21.36
CA GLY B 301 22.71 0.64 -20.03
C GLY B 301 21.80 0.17 -18.90
N MET B 302 20.81 -0.65 -19.23
CA MET B 302 19.80 -1.06 -18.23
C MET B 302 20.11 -2.39 -17.56
N VAL B 303 19.59 -2.57 -16.35
CA VAL B 303 19.94 -3.72 -15.54
C VAL B 303 18.97 -4.88 -15.67
N GLN B 304 19.49 -6.04 -16.04
CA GLN B 304 18.67 -7.25 -16.17
C GLN B 304 18.68 -8.04 -14.88
N THR B 305 17.76 -9.00 -14.75
CA THR B 305 17.77 -9.90 -13.61
C THR B 305 17.61 -11.32 -14.08
N HIS B 306 17.96 -12.28 -13.22
CA HIS B 306 17.54 -13.64 -13.48
C HIS B 306 16.08 -13.78 -13.05
N VAL B 307 15.43 -14.81 -13.55
CA VAL B 307 14.14 -15.20 -13.01
C VAL B 307 14.36 -16.37 -12.06
N THR B 308 13.32 -16.75 -11.31
CA THR B 308 13.47 -17.75 -10.26
C THR B 308 13.14 -19.18 -10.70
N THR B 309 12.40 -19.34 -11.79
CA THR B 309 11.99 -20.67 -12.26
C THR B 309 12.10 -20.77 -13.78
N PRO B 310 12.17 -22.00 -14.32
CA PRO B 310 12.22 -22.14 -15.78
C PRO B 310 10.97 -21.58 -16.44
N GLY B 311 9.81 -21.92 -15.89
CA GLY B 311 8.54 -21.47 -16.42
C GLY B 311 8.17 -20.04 -16.12
N SER B 312 9.08 -19.29 -15.50
CA SER B 312 8.82 -17.89 -15.16
C SER B 312 8.60 -17.03 -16.39
N ILE B 313 9.45 -17.19 -17.39
CA ILE B 313 9.31 -16.41 -18.62
C ILE B 313 7.93 -16.52 -19.29
N PRO B 314 7.49 -17.76 -19.63
CA PRO B 314 6.16 -17.81 -20.25
C PRO B 314 5.05 -17.35 -19.32
N THR B 315 5.16 -17.64 -18.04
CA THR B 315 4.20 -17.16 -17.04
C THR B 315 4.07 -15.65 -17.11
N ILE B 316 5.22 -14.97 -17.03
CA ILE B 316 5.28 -13.51 -17.08
C ILE B 316 4.66 -13.00 -18.35
N CYS B 317 4.99 -13.67 -19.46
CA CYS B 317 4.42 -13.33 -20.75
C CYS B 317 2.90 -13.42 -20.74
N ASP B 318 2.38 -14.51 -20.17
CA ASP B 318 0.92 -14.68 -20.10
C ASP B 318 0.27 -13.60 -19.23
N LEU B 319 0.93 -13.25 -18.12
CA LEU B 319 0.41 -12.23 -17.22
C LEU B 319 0.29 -10.88 -17.93
N ALA B 320 1.33 -10.50 -18.65
CA ALA B 320 1.32 -9.22 -19.36
C ALA B 320 0.24 -9.16 -20.43
N ARG B 321 0.11 -10.23 -21.21
CA ARG B 321 -0.87 -10.23 -22.29
C ARG B 321 -2.30 -10.24 -21.72
N THR B 322 -2.50 -11.01 -20.65
CA THR B 322 -3.79 -11.02 -19.96
C THR B 322 -4.16 -9.63 -19.45
N PHE B 323 -3.20 -8.98 -18.79
CA PHE B 323 -3.35 -7.62 -18.32
C PHE B 323 -3.73 -6.70 -19.47
N ALA B 324 -2.92 -6.76 -20.53
CA ALA B 324 -3.10 -5.88 -21.69
C ALA B 324 -4.51 -6.04 -22.27
N ARG B 325 -4.90 -7.29 -22.47
CA ARG B 325 -6.22 -7.60 -23.01
C ARG B 325 -7.36 -7.08 -22.15
N GLU B 326 -7.22 -7.21 -20.83
CA GLU B 326 -8.35 -6.92 -19.97
C GLU B 326 -8.43 -5.43 -19.63
N MET B 327 -7.28 -4.79 -19.45
CA MET B 327 -7.31 -3.43 -18.90
C MET B 327 -6.83 -2.33 -19.85
N GLY B 328 -6.23 -2.73 -20.95
CA GLY B 328 -5.80 -1.77 -21.95
C GLY B 328 -6.99 -1.31 -22.76
N GLU B 329 -6.84 -0.18 -23.45
CA GLU B 329 -7.91 0.42 -24.26
C GLU B 329 -8.28 -0.43 -25.48
#